data_4CA7
#
_entry.id   4CA7
#
_cell.length_a   173.743
_cell.length_b   173.743
_cell.length_c   102.178
_cell.angle_alpha   90.00
_cell.angle_beta   90.00
_cell.angle_gamma   120.00
#
_symmetry.space_group_name_H-M   'H 3'
#
loop_
_entity.id
_entity.type
_entity.pdbx_description
1 polymer 'ANGIOTENSIN-CONVERTING ENZYME'
2 branched beta-D-mannopyranose-(1-6)-alpha-D-mannopyranose-(1-3)-[alpha-D-mannopyranose-(1-6)]beta-D-mannopyranose-(1-4)-2-acetamido-2-deoxy-beta-D-glucopyranose-(1-4)-2-acetamido-2-deoxy-beta-D-glucopyranose
3 non-polymer 'ZINC ION'
4 non-polymer 2-acetamido-2-deoxy-beta-D-glucopyranose
5 non-polymer N-{(2S)-3-[(S)-[(1R)-1-{[(benzyloxy)carbonyl]amino}-2-phenylethyl](hydroxy)phosphoryl]-2-[(3-phenyl-1,2-oxazol-5-yl)methyl]propanoyl}-L-tyrosine
6 water water
#
_entity_poly.entity_id   1
_entity_poly.type   'polypeptide(L)'
_entity_poly.pdbx_seq_one_letter_code
;ALVKEEIQAKEYLENLNKELAKRTNVETEAAWAYGSNITDENEKKKNEISAELAKFMKEVASDTTKFQWRSYQSEDLKRQ
FKALTKLGYAALPEDDYAELLDTLSAMESNFAKVKVCDYKDSTKCDLALDPEIEEVISKSRDHEELAYYWREFYDKAGTA
VRSQFERYVELNTKAAKLNNFTSGAEAWLDEYEDDTFEQQLEDIFADIRPLYQQIHGYVRFRLRKHYGDAVVSETGPIPM
HLLGNMWAQQWSEIADIVSPFPEKPLVDVSAEMEKQGYTPLKMFQMGDDFFTSMNLTKLPQDFWDKSIIEKPTDGRDLVC
HASAWDFYLTDDVRIKQCTRVTQDQLFTVHHELGHIQYFLQYQHQPFVYRTGANPGFHEAVGDVLSLSVSTPKHLEKIGL
LKDYVRDDEARINQLFLTALDKIVFLPFAFTMDKYRWSLFRGEVDKANWNCAFWKLRDEYSGIEPPVVRSEKDFDAPAKY
HISADVEYLRYLVSFIIQFQFYKSACIKAGQYDPDNVELPLDNCDIYGSAAAGAAFHNMLSMGASKPWPDALEAFNGERI
MSGKAIAEYFEPLRVWLEAENIKNNVHIGWTTSNKCVS
;
_entity_poly.pdbx_strand_id   A
#
# COMPACT_ATOMS: atom_id res chain seq x y z
N VAL A 3 25.95 -32.80 -7.15
CA VAL A 3 25.31 -34.09 -7.56
C VAL A 3 24.98 -34.06 -9.06
N LYS A 4 25.18 -35.20 -9.74
CA LYS A 4 24.95 -35.32 -11.20
C LYS A 4 23.45 -35.27 -11.57
N GLU A 5 22.61 -35.47 -10.56
CA GLU A 5 21.15 -35.33 -10.62
C GLU A 5 20.74 -33.88 -10.94
N GLU A 6 21.63 -32.92 -10.67
CA GLU A 6 21.40 -31.51 -10.95
C GLU A 6 21.12 -31.21 -12.42
N ILE A 7 21.61 -32.07 -13.32
CA ILE A 7 21.31 -31.93 -14.75
C ILE A 7 19.81 -32.17 -14.99
N GLN A 8 19.29 -33.27 -14.52
CA GLN A 8 17.86 -33.57 -14.67
N ALA A 9 17.44 -32.16 -12.72
CA ALA A 9 16.71 -31.19 -11.91
C ALA A 9 16.48 -29.86 -12.65
N LYS A 10 17.52 -29.37 -13.33
CA LYS A 10 17.43 -28.14 -14.10
C LYS A 10 16.38 -28.20 -15.22
N GLU A 11 16.32 -29.34 -15.91
CA GLU A 11 15.33 -29.58 -16.95
C GLU A 11 13.92 -29.69 -16.36
N TYR A 12 13.82 -30.34 -15.19
CA TYR A 12 12.57 -30.42 -14.46
C TYR A 12 12.00 -29.03 -14.14
N LEU A 13 12.86 -28.14 -13.63
CA LEU A 13 12.45 -26.79 -13.24
C LEU A 13 12.05 -25.95 -14.45
N GLU A 14 12.78 -26.12 -15.54
CA GLU A 14 12.49 -25.46 -16.80
C GLU A 14 11.04 -25.67 -17.24
N ASN A 15 10.64 -26.94 -17.36
CA ASN A 15 9.27 -27.30 -17.76
CA ASN A 15 9.27 -27.30 -17.76
C ASN A 15 8.22 -26.85 -16.74
N LEU A 16 8.50 -27.11 -15.46
CA LEU A 16 7.58 -26.77 -14.38
C LEU A 16 7.29 -25.27 -14.28
N ASN A 17 8.34 -24.44 -14.34
CA ASN A 17 8.16 -22.99 -14.32
C ASN A 17 7.21 -22.54 -15.44
N LYS A 18 7.48 -23.01 -16.65
CA LYS A 18 6.62 -22.70 -17.81
C LYS A 18 5.19 -23.20 -17.63
N GLU A 19 5.04 -24.39 -17.06
CA GLU A 19 3.72 -24.91 -16.74
C GLU A 19 2.97 -24.07 -15.66
N LEU A 20 3.69 -23.64 -14.63
CA LEU A 20 3.08 -22.80 -13.59
C LEU A 20 2.59 -21.47 -14.13
N ALA A 21 3.38 -20.85 -15.01
CA ALA A 21 3.00 -19.58 -15.64
C ALA A 21 1.67 -19.69 -16.40
N LYS A 22 1.52 -20.76 -17.15
CA LYS A 22 0.33 -20.99 -17.96
C LYS A 22 -0.91 -21.28 -17.12
N ARG A 23 -0.75 -22.12 -16.10
CA ARG A 23 -1.83 -22.42 -15.17
C ARG A 23 -2.24 -21.16 -14.38
N THR A 24 -1.26 -20.35 -14.00
CA THR A 24 -1.52 -19.12 -13.23
C THR A 24 -2.20 -18.06 -14.11
N ASN A 25 -1.85 -18.03 -15.40
CA ASN A 25 -2.55 -17.17 -16.36
C ASN A 25 -4.06 -17.38 -16.30
N VAL A 26 -4.48 -18.65 -16.28
CA VAL A 26 -5.89 -19.04 -16.25
C VAL A 26 -6.59 -18.59 -14.95
N GLU A 27 -5.95 -18.81 -13.80
CA GLU A 27 -6.49 -18.36 -12.52
C GLU A 27 -6.60 -16.83 -12.51
N THR A 28 -5.57 -16.16 -13.00
CA THR A 28 -5.53 -14.70 -13.01
C THR A 28 -6.67 -14.10 -13.84
N GLU A 29 -6.96 -14.71 -15.00
CA GLU A 29 -8.06 -14.25 -15.85
C GLU A 29 -9.41 -14.34 -15.15
N ALA A 30 -9.65 -15.43 -14.44
CA ALA A 30 -10.89 -15.59 -13.68
C ALA A 30 -11.02 -14.60 -12.51
N ALA A 31 -9.89 -14.31 -11.85
CA ALA A 31 -9.84 -13.32 -10.76
C ALA A 31 -10.07 -11.90 -11.30
N TRP A 32 -9.53 -11.62 -12.47
CA TRP A 32 -9.74 -10.34 -13.16
C TRP A 32 -11.21 -10.14 -13.53
N ALA A 33 -11.84 -11.20 -14.06
CA ALA A 33 -13.24 -11.14 -14.49
C ALA A 33 -14.19 -10.86 -13.33
N TYR A 34 -13.88 -11.44 -12.17
CA TYR A 34 -14.67 -11.24 -10.96
C TYR A 34 -14.50 -9.84 -10.36
N GLY A 35 -13.25 -9.39 -10.27
CA GLY A 35 -12.94 -8.07 -9.72
C GLY A 35 -13.49 -6.96 -10.59
N SER A 36 -13.63 -7.24 -11.89
CA SER A 36 -14.17 -6.30 -12.88
C SER A 36 -15.68 -6.35 -12.95
N ASN A 37 -16.27 -7.40 -12.40
CA ASN A 37 -17.68 -7.69 -12.60
C ASN A 37 -18.18 -8.71 -11.56
N ILE A 38 -18.49 -8.22 -10.36
CA ILE A 38 -18.89 -9.09 -9.24
C ILE A 38 -20.27 -9.74 -9.46
N THR A 39 -20.28 -11.04 -9.76
CA THR A 39 -21.52 -11.82 -9.87
C THR A 39 -21.35 -13.19 -9.20
N ASP A 40 -22.45 -13.84 -8.82
CA ASP A 40 -22.38 -15.18 -8.23
C ASP A 40 -21.69 -16.17 -9.17
N GLU A 41 -21.95 -16.01 -10.46
CA GLU A 41 -21.38 -16.86 -11.49
C GLU A 41 -19.87 -16.67 -11.63
N ASN A 42 -19.42 -15.42 -11.67
CA ASN A 42 -17.98 -15.11 -11.72
C ASN A 42 -17.25 -15.51 -10.45
N GLU A 43 -17.93 -15.40 -9.30
CA GLU A 43 -17.37 -15.85 -8.02
C GLU A 43 -17.07 -17.35 -8.07
N LYS A 44 -18.09 -18.11 -8.49
CA LYS A 44 -18.00 -19.56 -8.61
C LYS A 44 -16.82 -19.96 -9.51
N LYS A 45 -16.66 -19.25 -10.62
CA LYS A 45 -15.61 -19.56 -11.59
C LYS A 45 -14.20 -19.26 -11.09
N LYS A 46 -14.03 -18.09 -10.48
CA LYS A 46 -12.77 -17.70 -9.85
C LYS A 46 -12.32 -18.78 -8.85
N ASN A 47 -13.23 -19.16 -7.96
CA ASN A 47 -12.91 -20.07 -6.85
C ASN A 47 -12.68 -21.54 -7.27
N GLU A 48 -13.36 -21.97 -8.33
N GLU A 48 -13.38 -21.96 -8.32
CA GLU A 48 -13.19 -23.32 -8.83
CA GLU A 48 -13.22 -23.29 -8.90
C GLU A 48 -11.84 -23.50 -9.54
C GLU A 48 -11.82 -23.46 -9.46
N ILE A 49 -11.41 -22.48 -10.25
CA ILE A 49 -10.12 -22.53 -10.94
C ILE A 49 -8.96 -22.42 -9.94
N SER A 50 -9.14 -21.63 -8.88
CA SER A 50 -8.17 -21.56 -7.80
C SER A 50 -8.00 -22.91 -7.10
N ALA A 51 -9.12 -23.58 -6.82
CA ALA A 51 -9.11 -24.91 -6.22
C ALA A 51 -8.34 -25.91 -7.10
N GLU A 52 -8.53 -25.78 -8.42
CA GLU A 52 -7.83 -26.61 -9.40
C GLU A 52 -6.31 -26.41 -9.34
N LEU A 53 -5.88 -25.15 -9.36
CA LEU A 53 -4.44 -24.83 -9.26
C LEU A 53 -3.84 -25.26 -7.91
N ALA A 54 -4.59 -25.10 -6.82
CA ALA A 54 -4.13 -25.53 -5.50
C ALA A 54 -3.82 -27.04 -5.49
N LYS A 55 -4.71 -27.83 -6.11
CA LYS A 55 -4.52 -29.27 -6.24
C LYS A 55 -3.22 -29.61 -6.99
N PHE A 56 -2.95 -28.88 -8.07
CA PHE A 56 -1.71 -29.08 -8.83
C PHE A 56 -0.47 -28.72 -8.00
N MET A 57 -0.55 -27.62 -7.24
CA MET A 57 0.55 -27.20 -6.37
C MET A 57 0.87 -28.27 -5.32
N LYS A 58 -0.17 -28.90 -4.78
CA LYS A 58 0.00 -30.02 -3.84
C LYS A 58 0.87 -31.12 -4.46
N GLU A 59 0.58 -31.48 -5.71
CA GLU A 59 1.37 -32.46 -6.46
C GLU A 59 2.82 -31.99 -6.69
N VAL A 60 3.00 -30.70 -6.99
CA VAL A 60 4.34 -30.13 -7.17
C VAL A 60 5.21 -30.24 -5.90
N ALA A 61 4.67 -29.78 -4.76
CA ALA A 61 5.39 -29.85 -3.50
C ALA A 61 5.76 -31.29 -3.18
N SER A 62 4.85 -32.21 -3.48
CA SER A 62 5.12 -33.64 -3.30
C SER A 62 6.30 -34.11 -4.17
N ASP A 63 6.31 -33.73 -5.45
CA ASP A 63 7.37 -34.13 -6.37
C ASP A 63 8.76 -33.56 -6.07
N THR A 64 8.84 -32.47 -5.32
CA THR A 64 10.14 -31.91 -4.93
C THR A 64 10.94 -32.87 -4.04
N THR A 65 10.24 -33.72 -3.28
CA THR A 65 10.89 -34.66 -2.37
C THR A 65 11.59 -35.79 -3.12
N LYS A 66 11.33 -35.91 -4.42
CA LYS A 66 12.00 -36.89 -5.26
C LYS A 66 13.38 -36.38 -5.70
N PHE A 67 13.63 -35.09 -5.46
CA PHE A 67 14.92 -34.47 -5.78
C PHE A 67 15.68 -34.16 -4.50
N GLN A 68 16.97 -34.48 -4.47
CA GLN A 68 17.83 -34.20 -3.33
C GLN A 68 18.29 -32.75 -3.35
N TRP A 69 17.37 -31.80 -3.46
CA TRP A 69 17.75 -30.42 -3.81
C TRP A 69 18.64 -29.73 -2.76
N ARG A 70 18.48 -30.05 -1.49
CA ARG A 70 19.33 -29.47 -0.43
C ARG A 70 20.80 -29.87 -0.56
N SER A 71 21.08 -30.93 -1.32
CA SER A 71 22.45 -31.42 -1.56
C SER A 71 23.15 -30.77 -2.74
N TYR A 72 22.45 -29.90 -3.49
CA TYR A 72 22.95 -29.40 -4.77
C TYR A 72 24.06 -28.35 -4.64
N GLN A 73 24.89 -28.27 -5.67
CA GLN A 73 25.94 -27.25 -5.77
C GLN A 73 25.37 -25.88 -6.09
N SER A 74 24.40 -25.83 -6.99
CA SER A 74 23.85 -24.57 -7.50
C SER A 74 22.86 -23.86 -6.56
N GLU A 75 23.27 -22.71 -6.05
CA GLU A 75 22.43 -21.88 -5.19
C GLU A 75 21.14 -21.52 -5.92
N ASP A 76 21.24 -21.31 -7.22
CA ASP A 76 20.07 -20.97 -8.05
C ASP A 76 19.03 -22.09 -8.13
N LEU A 77 19.47 -23.32 -8.37
CA LEU A 77 18.57 -24.47 -8.38
C LEU A 77 17.93 -24.66 -7.00
N LYS A 78 18.74 -24.60 -5.95
CA LYS A 78 18.23 -24.71 -4.58
C LYS A 78 17.17 -23.63 -4.26
N ARG A 79 17.41 -22.41 -4.71
CA ARG A 79 16.48 -21.29 -4.46
C ARG A 79 15.12 -21.55 -5.13
N GLN A 80 15.14 -22.04 -6.36
CA GLN A 80 13.91 -22.39 -7.09
C GLN A 80 13.14 -23.54 -6.42
N PHE A 81 13.85 -24.61 -6.04
CA PHE A 81 13.19 -25.72 -5.37
C PHE A 81 12.57 -25.28 -4.05
N LYS A 82 13.29 -24.46 -3.30
CA LYS A 82 12.76 -23.94 -2.04
C LYS A 82 11.45 -23.18 -2.24
N ALA A 83 11.41 -22.31 -3.25
CA ALA A 83 10.18 -21.57 -3.59
C ALA A 83 9.00 -22.49 -3.92
N LEU A 84 9.26 -23.60 -4.60
CA LEU A 84 8.21 -24.58 -4.94
C LEU A 84 7.68 -25.42 -3.77
N THR A 85 8.46 -25.51 -2.69
CA THR A 85 7.99 -26.26 -1.52
C THR A 85 6.99 -25.45 -0.70
N LYS A 86 6.92 -24.15 -0.97
CA LYS A 86 6.11 -23.24 -0.17
C LYS A 86 4.70 -23.12 -0.71
N LEU A 87 3.78 -23.90 -0.12
CA LEU A 87 2.42 -24.06 -0.64
C LEU A 87 1.44 -22.96 -0.24
N GLY A 88 1.68 -22.31 0.89
CA GLY A 88 0.72 -21.34 1.44
C GLY A 88 -0.63 -22.01 1.68
N TYR A 89 -1.69 -21.31 1.29
CA TYR A 89 -3.06 -21.82 1.47
C TYR A 89 -3.31 -23.17 0.78
N ALA A 90 -2.60 -23.43 -0.32
CA ALA A 90 -2.75 -24.66 -1.07
C ALA A 90 -2.35 -25.92 -0.27
N ALA A 91 -1.76 -25.73 0.91
CA ALA A 91 -1.46 -26.85 1.82
C ALA A 91 -2.72 -27.43 2.48
N LEU A 92 -3.82 -26.67 2.50
CA LEU A 92 -5.06 -27.08 3.17
C LEU A 92 -5.76 -28.26 2.47
N PRO A 93 -6.43 -29.15 3.25
CA PRO A 93 -7.28 -30.18 2.65
C PRO A 93 -8.28 -29.53 1.69
N GLU A 94 -8.65 -30.28 0.65
CA GLU A 94 -9.51 -29.78 -0.43
C GLU A 94 -10.72 -28.98 0.06
N ASP A 95 -11.47 -29.55 1.00
CA ASP A 95 -12.68 -28.89 1.54
C ASP A 95 -12.35 -27.62 2.33
N ASP A 96 -11.26 -27.64 3.10
CA ASP A 96 -10.82 -26.44 3.85
C ASP A 96 -10.37 -25.30 2.94
N TYR A 97 -9.75 -25.64 1.81
CA TYR A 97 -9.33 -24.65 0.85
C TYR A 97 -10.54 -23.98 0.20
N ALA A 98 -11.53 -24.79 -0.19
CA ALA A 98 -12.76 -24.26 -0.81
C ALA A 98 -13.53 -23.34 0.14
N GLU A 99 -13.65 -23.74 1.41
CA GLU A 99 -14.27 -22.90 2.44
C GLU A 99 -13.53 -21.57 2.63
N LEU A 100 -12.19 -21.61 2.65
CA LEU A 100 -11.42 -20.38 2.74
C LEU A 100 -11.68 -19.45 1.55
N LEU A 101 -11.68 -19.99 0.34
CA LEU A 101 -11.92 -19.17 -0.84
C LEU A 101 -13.32 -18.53 -0.78
N ASP A 102 -14.30 -19.30 -0.33
CA ASP A 102 -15.67 -18.80 -0.13
C ASP A 102 -15.71 -17.67 0.91
N THR A 103 -14.95 -17.84 1.99
CA THR A 103 -14.82 -16.81 3.04
C THR A 103 -14.18 -15.53 2.51
N LEU A 104 -13.12 -15.68 1.70
CA LEU A 104 -12.41 -14.52 1.17
C LEU A 104 -13.29 -13.70 0.21
N SER A 105 -14.04 -14.37 -0.65
CA SER A 105 -14.86 -13.64 -1.61
C SER A 105 -16.08 -13.02 -0.92
N ALA A 106 -16.59 -13.67 0.13
CA ALA A 106 -17.67 -13.06 0.92
C ALA A 106 -17.20 -11.73 1.51
N MET A 107 -15.97 -11.68 2.03
CA MET A 107 -15.45 -10.45 2.62
C MET A 107 -15.12 -9.37 1.59
N GLU A 108 -14.52 -9.76 0.46
CA GLU A 108 -14.14 -8.77 -0.54
C GLU A 108 -15.39 -8.18 -1.23
N SER A 109 -16.36 -9.03 -1.54
CA SER A 109 -17.62 -8.56 -2.17
C SER A 109 -18.47 -7.70 -1.24
N ASN A 110 -18.52 -8.06 0.05
CA ASN A 110 -19.16 -7.19 1.04
C ASN A 110 -18.55 -5.79 1.00
N PHE A 111 -17.22 -5.70 1.04
CA PHE A 111 -16.53 -4.42 0.99
C PHE A 111 -16.91 -3.64 -0.27
N ALA A 112 -16.79 -4.27 -1.44
CA ALA A 112 -17.02 -3.62 -2.71
C ALA A 112 -18.48 -3.16 -2.88
N LYS A 113 -19.40 -3.85 -2.21
CA LYS A 113 -20.83 -3.57 -2.36
C LYS A 113 -21.44 -2.56 -1.37
N VAL A 114 -20.65 -2.07 -0.41
CA VAL A 114 -21.15 -1.12 0.59
C VAL A 114 -21.75 0.14 -0.04
N LYS A 115 -22.98 0.46 0.36
CA LYS A 115 -23.65 1.70 -0.05
C LYS A 115 -24.27 2.30 1.19
N VAL A 116 -24.26 3.64 1.29
CA VAL A 116 -24.85 4.34 2.44
C VAL A 116 -25.90 5.37 1.97
N CYS A 117 -26.74 5.81 2.90
CA CYS A 117 -27.72 6.86 2.60
C CYS A 117 -27.12 8.25 2.79
N ASP A 118 -27.53 9.17 1.92
CA ASP A 118 -27.08 10.56 1.98
C ASP A 118 -27.42 11.18 3.35
N TYR A 119 -26.45 11.89 3.93
CA TYR A 119 -26.62 12.62 5.20
C TYR A 119 -27.82 13.58 5.18
N LYS A 120 -28.07 14.19 4.03
CA LYS A 120 -29.13 15.19 3.88
C LYS A 120 -30.38 14.65 3.17
N ASP A 121 -30.33 13.41 2.69
CA ASP A 121 -31.44 12.84 1.92
C ASP A 121 -31.55 11.34 2.12
N SER A 122 -32.31 10.93 3.13
CA SER A 122 -32.46 9.50 3.47
C SER A 122 -33.15 8.67 2.37
N THR A 123 -33.58 9.34 1.30
CA THR A 123 -34.11 8.68 0.10
C THR A 123 -32.96 8.13 -0.75
N LYS A 124 -31.89 8.91 -0.85
CA LYS A 124 -30.77 8.61 -1.72
C LYS A 124 -29.78 7.68 -0.99
N CYS A 125 -29.82 6.40 -1.32
CA CYS A 125 -29.04 5.39 -0.61
C CYS A 125 -28.08 4.59 -1.51
N ASP A 126 -27.47 5.29 -2.46
CA ASP A 126 -26.57 4.65 -3.43
C ASP A 126 -25.17 5.27 -3.41
N LEU A 127 -24.75 5.79 -2.27
CA LEU A 127 -23.42 6.39 -2.14
C LEU A 127 -22.41 5.29 -1.83
N ALA A 128 -21.42 5.11 -2.71
CA ALA A 128 -20.34 4.15 -2.48
C ALA A 128 -19.11 4.87 -1.89
N LEU A 129 -18.24 4.11 -1.24
CA LEU A 129 -16.98 4.68 -0.74
C LEU A 129 -16.28 5.47 -1.84
N ASP A 130 -16.10 4.82 -2.98
CA ASP A 130 -15.40 5.41 -4.12
C ASP A 130 -16.40 5.59 -5.25
N PRO A 131 -16.76 6.86 -5.58
CA PRO A 131 -16.18 8.10 -5.06
C PRO A 131 -16.97 8.87 -3.98
N GLU A 132 -18.26 8.56 -3.79
CA GLU A 132 -19.14 9.45 -3.01
C GLU A 132 -18.69 9.72 -1.56
N ILE A 133 -18.43 8.65 -0.79
CA ILE A 133 -18.14 8.83 0.62
C ILE A 133 -16.76 9.47 0.80
N GLU A 134 -15.78 9.02 0.03
CA GLU A 134 -14.43 9.58 0.10
C GLU A 134 -14.39 11.06 -0.27
N GLU A 135 -15.30 11.48 -1.15
CA GLU A 135 -15.47 12.89 -1.50
C GLU A 135 -15.83 13.73 -0.25
N VAL A 136 -16.82 13.29 0.52
CA VAL A 136 -17.22 13.99 1.75
C VAL A 136 -16.08 14.00 2.78
N ILE A 137 -15.51 12.83 3.06
CA ILE A 137 -14.47 12.69 4.07
C ILE A 137 -13.26 13.60 3.80
N SER A 138 -12.92 13.78 2.53
CA SER A 138 -11.76 14.60 2.17
C SER A 138 -12.07 16.11 2.09
N LYS A 139 -13.34 16.46 1.90
CA LYS A 139 -13.71 17.87 1.62
C LYS A 139 -14.57 18.56 2.69
N SER A 140 -15.48 17.83 3.33
CA SER A 140 -16.37 18.42 4.33
C SER A 140 -15.59 18.88 5.55
N ARG A 141 -15.97 20.02 6.11
CA ARG A 141 -15.44 20.45 7.41
C ARG A 141 -16.60 20.58 8.42
N ASP A 142 -17.67 19.83 8.17
CA ASP A 142 -18.79 19.74 9.08
C ASP A 142 -18.59 18.47 9.92
N HIS A 143 -18.13 18.65 11.16
CA HIS A 143 -17.73 17.52 11.99
C HIS A 143 -18.84 16.48 12.23
N GLU A 144 -20.10 16.92 12.28
CA GLU A 144 -21.19 15.96 12.47
C GLU A 144 -21.49 15.18 11.19
N GLU A 145 -21.30 15.82 10.04
CA GLU A 145 -21.52 15.14 8.76
C GLU A 145 -20.47 14.05 8.61
N LEU A 146 -19.23 14.42 8.93
CA LEU A 146 -18.09 13.50 8.90
C LEU A 146 -18.30 12.26 9.80
N ALA A 147 -18.80 12.50 11.02
CA ALA A 147 -19.05 11.42 11.98
C ALA A 147 -20.16 10.49 11.50
N TYR A 148 -21.18 11.06 10.85
CA TYR A 148 -22.24 10.27 10.24
C TYR A 148 -21.68 9.25 9.23
N TYR A 149 -20.89 9.72 8.28
CA TYR A 149 -20.38 8.87 7.20
C TYR A 149 -19.37 7.86 7.73
N TRP A 150 -18.61 8.28 8.74
CA TRP A 150 -17.68 7.38 9.41
C TRP A 150 -18.45 6.18 10.00
N ARG A 151 -19.52 6.47 10.74
CA ARG A 151 -20.25 5.40 11.43
C ARG A 151 -20.98 4.49 10.43
N GLU A 152 -21.54 5.08 9.38
CA GLU A 152 -22.28 4.30 8.38
C GLU A 152 -21.34 3.34 7.68
N PHE A 153 -20.20 3.86 7.23
CA PHE A 153 -19.23 3.03 6.54
C PHE A 153 -18.67 1.90 7.42
N TYR A 154 -18.18 2.24 8.61
CA TYR A 154 -17.63 1.23 9.49
C TYR A 154 -18.65 0.17 9.90
N ASP A 155 -19.91 0.55 10.15
CA ASP A 155 -20.89 -0.47 10.49
C ASP A 155 -21.07 -1.49 9.34
N LYS A 156 -20.98 -1.01 8.10
CA LYS A 156 -21.29 -1.84 6.92
C LYS A 156 -20.10 -2.63 6.36
N ALA A 157 -18.94 -1.99 6.34
CA ALA A 157 -17.72 -2.60 5.81
C ALA A 157 -16.98 -3.41 6.88
N GLY A 158 -17.18 -3.04 8.14
CA GLY A 158 -16.52 -3.72 9.24
C GLY A 158 -17.38 -4.74 9.95
N THR A 159 -18.29 -4.25 10.81
CA THR A 159 -19.04 -5.12 11.69
C THR A 159 -19.75 -6.26 10.95
N ALA A 160 -20.20 -5.97 9.73
CA ALA A 160 -21.02 -6.90 8.95
C ALA A 160 -20.30 -8.22 8.62
N VAL A 161 -18.97 -8.24 8.70
CA VAL A 161 -18.24 -9.46 8.34
C VAL A 161 -17.45 -10.14 9.46
N ARG A 162 -17.78 -9.85 10.73
N ARG A 162 -17.79 -9.84 10.73
CA ARG A 162 -17.06 -10.44 11.85
CA ARG A 162 -17.12 -10.42 11.90
C ARG A 162 -16.97 -11.97 11.80
C ARG A 162 -17.00 -11.95 11.86
N SER A 163 -18.11 -12.64 11.61
CA SER A 163 -18.12 -14.12 11.62
C SER A 163 -17.26 -14.72 10.49
N GLN A 164 -17.33 -14.11 9.30
CA GLN A 164 -16.47 -14.51 8.19
C GLN A 164 -15.00 -14.24 8.53
N PHE A 165 -14.72 -13.07 9.11
CA PHE A 165 -13.34 -12.76 9.50
C PHE A 165 -12.79 -13.78 10.51
N GLU A 166 -13.62 -14.16 11.47
CA GLU A 166 -13.25 -15.19 12.46
C GLU A 166 -12.84 -16.53 11.83
N ARG A 167 -13.63 -16.99 10.86
CA ARG A 167 -13.32 -18.25 10.16
C ARG A 167 -12.06 -18.11 9.30
N TYR A 168 -11.89 -16.94 8.68
CA TYR A 168 -10.68 -16.64 7.92
C TYR A 168 -9.45 -16.79 8.81
N VAL A 169 -9.48 -16.22 10.01
CA VAL A 169 -8.33 -16.32 10.93
C VAL A 169 -8.03 -17.79 11.27
N GLU A 170 -9.06 -18.57 11.57
CA GLU A 170 -8.93 -20.02 11.82
C GLU A 170 -8.25 -20.77 10.67
N LEU A 171 -8.72 -20.56 9.45
CA LEU A 171 -8.19 -21.28 8.29
C LEU A 171 -6.80 -20.79 7.89
N ASN A 172 -6.58 -19.48 8.03
CA ASN A 172 -5.26 -18.93 7.80
C ASN A 172 -4.23 -19.56 8.77
N THR A 173 -4.60 -19.69 10.04
CA THR A 173 -3.74 -20.33 11.05
C THR A 173 -3.47 -21.81 10.72
N LYS A 174 -4.54 -22.53 10.39
CA LYS A 174 -4.43 -23.94 10.00
C LYS A 174 -3.48 -24.13 8.80
N ALA A 175 -3.57 -23.23 7.80
CA ALA A 175 -2.71 -23.29 6.62
C ALA A 175 -1.26 -23.06 7.00
N ALA A 176 -1.00 -22.02 7.80
CA ALA A 176 0.39 -21.72 8.26
C ALA A 176 1.04 -22.90 8.95
N LYS A 177 0.27 -23.56 9.81
CA LYS A 177 0.79 -24.69 10.59
C LYS A 177 1.04 -25.92 9.72
N LEU A 178 0.26 -26.10 8.65
CA LEU A 178 0.52 -27.18 7.68
C LEU A 178 1.80 -26.94 6.89
N ASN A 179 2.23 -25.68 6.83
CA ASN A 179 3.50 -25.31 6.23
C ASN A 179 4.62 -25.24 7.28
N ASN A 180 4.29 -25.63 8.51
CA ASN A 180 5.20 -25.61 9.68
C ASN A 180 5.69 -24.21 10.10
N PHE A 181 4.90 -23.19 9.77
CA PHE A 181 5.06 -21.88 10.40
C PHE A 181 4.21 -21.86 11.67
N THR A 182 4.62 -21.07 12.67
CA THR A 182 3.85 -21.00 13.91
C THR A 182 2.46 -20.44 13.64
N SER A 183 2.41 -19.45 12.76
CA SER A 183 1.17 -18.75 12.45
C SER A 183 1.29 -18.01 11.10
N GLY A 184 0.22 -17.40 10.65
CA GLY A 184 0.29 -16.62 9.42
C GLY A 184 1.18 -15.39 9.50
N ALA A 185 1.46 -14.95 10.72
CA ALA A 185 2.35 -13.81 10.93
C ALA A 185 3.71 -14.25 10.40
N GLU A 186 4.13 -15.45 10.80
CA GLU A 186 5.44 -15.99 10.37
C GLU A 186 5.46 -16.34 8.87
N ALA A 187 4.35 -16.87 8.37
CA ALA A 187 4.16 -17.08 6.94
C ALA A 187 4.38 -15.78 6.14
N TRP A 188 3.74 -14.68 6.56
CA TRP A 188 3.96 -13.37 5.89
C TRP A 188 5.42 -12.92 5.98
N LEU A 189 6.00 -13.02 7.18
CA LEU A 189 7.34 -12.51 7.40
C LEU A 189 8.41 -13.27 6.61
N ASP A 190 8.11 -14.51 6.25
CA ASP A 190 9.00 -15.36 5.45
C ASP A 190 9.38 -14.69 4.12
N GLU A 191 8.49 -13.88 3.56
CA GLU A 191 8.77 -13.15 2.30
C GLU A 191 9.96 -12.17 2.37
N TYR A 192 10.40 -11.82 3.57
CA TYR A 192 11.52 -10.88 3.74
C TYR A 192 12.85 -11.56 3.99
N GLU A 193 12.84 -12.90 4.09
CA GLU A 193 14.07 -13.70 4.18
C GLU A 193 15.08 -13.15 5.21
N ASP A 194 14.58 -12.77 6.39
CA ASP A 194 15.44 -12.15 7.40
C ASP A 194 14.83 -12.37 8.78
N ASP A 195 15.48 -13.21 9.58
CA ASP A 195 14.90 -13.56 10.88
C ASP A 195 15.01 -12.47 11.96
N THR A 196 15.63 -11.33 11.65
CA THR A 196 15.59 -10.17 12.57
C THR A 196 14.73 -9.03 11.99
N PHE A 197 13.87 -9.34 11.03
CA PHE A 197 13.17 -8.28 10.27
C PHE A 197 12.27 -7.42 11.15
N GLU A 198 11.46 -8.05 12.01
CA GLU A 198 10.60 -7.31 12.95
C GLU A 198 11.39 -6.36 13.85
N GLN A 199 12.49 -6.84 14.42
CA GLN A 199 13.32 -6.00 15.29
C GLN A 199 13.91 -4.82 14.52
N GLN A 200 14.32 -5.05 13.27
CA GLN A 200 14.86 -4.00 12.42
C GLN A 200 13.88 -2.86 12.21
N LEU A 201 12.61 -3.22 12.00
CA LEU A 201 11.52 -2.25 11.83
C LEU A 201 11.14 -1.53 13.12
N GLU A 202 11.13 -2.25 14.24
CA GLU A 202 10.99 -1.61 15.57
C GLU A 202 12.07 -0.54 15.78
N ASP A 203 13.33 -0.85 15.43
CA ASP A 203 14.41 0.11 15.61
C ASP A 203 14.26 1.35 14.71
N ILE A 204 13.94 1.16 13.45
CA ILE A 204 13.76 2.28 12.52
C ILE A 204 12.54 3.10 12.96
N PHE A 205 11.45 2.42 13.27
CA PHE A 205 10.28 3.13 13.76
C PHE A 205 10.57 4.00 15.00
N ALA A 206 11.28 3.45 15.98
CA ALA A 206 11.65 4.21 17.19
C ALA A 206 12.45 5.48 16.89
N ASP A 207 13.32 5.44 15.87
CA ASP A 207 14.08 6.61 15.43
C ASP A 207 13.20 7.72 14.84
N ILE A 208 12.12 7.34 14.15
CA ILE A 208 11.27 8.32 13.46
C ILE A 208 10.07 8.76 14.31
N ARG A 209 9.72 7.96 15.31
CA ARG A 209 8.55 8.24 16.16
C ARG A 209 8.52 9.66 16.76
N PRO A 210 9.65 10.19 17.26
CA PRO A 210 9.61 11.55 17.84
C PRO A 210 9.18 12.62 16.82
N LEU A 211 9.59 12.50 15.56
CA LEU A 211 9.14 13.42 14.51
C LEU A 211 7.64 13.30 14.31
N TYR A 212 7.15 12.05 14.26
CA TYR A 212 5.70 11.83 14.16
C TYR A 212 4.94 12.56 15.28
N GLN A 213 5.44 12.43 16.50
CA GLN A 213 4.80 13.05 17.67
C GLN A 213 4.77 14.58 17.60
N GLN A 214 5.82 15.19 17.04
CA GLN A 214 5.82 16.64 16.75
C GLN A 214 4.75 17.05 15.71
N ILE A 215 4.62 16.26 14.65
CA ILE A 215 3.62 16.53 13.59
C ILE A 215 2.21 16.38 14.19
N HIS A 216 2.02 15.29 14.93
CA HIS A 216 0.73 15.01 15.59
C HIS A 216 0.33 16.19 16.48
N GLY A 217 1.26 16.67 17.30
CA GLY A 217 0.96 17.77 18.24
C GLY A 217 0.57 19.04 17.51
N TYR A 218 1.31 19.37 16.44
CA TYR A 218 1.04 20.59 15.68
C TYR A 218 -0.32 20.52 14.96
N VAL A 219 -0.60 19.37 14.32
CA VAL A 219 -1.90 19.15 13.67
C VAL A 219 -3.09 19.31 14.65
N ARG A 220 -2.98 18.69 15.83
CA ARG A 220 -4.02 18.79 16.87
C ARG A 220 -4.23 20.25 17.31
N PHE A 221 -3.13 20.96 17.52
CA PHE A 221 -3.16 22.39 17.83
C PHE A 221 -3.93 23.17 16.77
N ARG A 222 -3.60 22.95 15.50
CA ARG A 222 -4.28 23.65 14.41
C ARG A 222 -5.74 23.24 14.24
N LEU A 223 -6.06 21.98 14.51
CA LEU A 223 -7.46 21.53 14.46
C LEU A 223 -8.34 22.16 15.56
N ARG A 224 -7.77 22.39 16.73
CA ARG A 224 -8.48 23.06 17.84
C ARG A 224 -8.90 24.49 17.45
N LYS A 225 -8.02 25.19 16.74
CA LYS A 225 -8.29 26.55 16.26
C LYS A 225 -9.42 26.53 15.24
N HIS A 226 -9.49 25.49 14.42
CA HIS A 226 -10.55 25.37 13.41
C HIS A 226 -11.90 24.91 13.98
N TYR A 227 -11.91 23.80 14.72
CA TYR A 227 -13.18 23.22 15.20
C TYR A 227 -13.60 23.66 16.62
N GLY A 228 -12.63 24.12 17.40
CA GLY A 228 -12.87 24.50 18.79
C GLY A 228 -12.68 23.34 19.76
N ASP A 229 -12.54 23.66 21.04
CA ASP A 229 -12.15 22.66 22.06
C ASP A 229 -13.25 21.67 22.45
N ALA A 230 -14.49 21.96 22.07
CA ALA A 230 -15.56 20.99 22.26
C ALA A 230 -15.40 19.75 21.34
N VAL A 231 -14.69 19.93 20.23
CA VAL A 231 -14.50 18.85 19.21
C VAL A 231 -13.12 18.20 19.37
N VAL A 232 -12.12 19.02 19.68
CA VAL A 232 -10.73 18.55 19.74
C VAL A 232 -10.11 18.97 21.07
N SER A 233 -9.69 18.00 21.88
CA SER A 233 -9.06 18.31 23.15
C SER A 233 -7.57 18.50 22.95
N GLU A 234 -6.93 19.24 23.86
CA GLU A 234 -5.49 19.48 23.79
C GLU A 234 -4.68 18.23 24.13
N THR A 235 -5.20 17.40 25.04
CA THR A 235 -4.39 16.35 25.63
C THR A 235 -4.77 14.93 25.17
N GLY A 236 -5.93 14.78 24.53
CA GLY A 236 -6.38 13.45 24.09
C GLY A 236 -6.02 13.09 22.65
N PRO A 237 -6.25 11.83 22.24
CA PRO A 237 -6.07 11.43 20.83
C PRO A 237 -6.93 12.27 19.91
N ILE A 238 -6.48 12.48 18.68
CA ILE A 238 -7.25 13.24 17.68
C ILE A 238 -8.47 12.44 17.20
N PRO A 239 -9.68 13.07 17.19
CA PRO A 239 -10.81 12.40 16.54
C PRO A 239 -10.52 12.17 15.05
N MET A 240 -10.53 10.90 14.66
CA MET A 240 -9.98 10.49 13.37
C MET A 240 -10.75 10.98 12.14
N HIS A 241 -12.04 11.26 12.31
CA HIS A 241 -12.86 11.70 11.20
C HIS A 241 -12.54 13.11 10.71
N LEU A 242 -11.70 13.84 11.46
CA LEU A 242 -11.32 15.21 11.11
C LEU A 242 -10.04 15.24 10.27
N LEU A 243 -9.49 14.06 9.99
CA LEU A 243 -8.16 13.97 9.38
C LEU A 243 -8.16 13.76 7.85
N GLY A 244 -9.34 13.84 7.24
CA GLY A 244 -9.43 13.88 5.77
C GLY A 244 -9.27 12.53 5.05
N ASN A 245 -9.26 11.45 5.81
CA ASN A 245 -9.13 10.11 5.24
C ASN A 245 -9.89 9.12 6.13
N MET A 246 -10.70 8.24 5.53
CA MET A 246 -11.57 7.31 6.27
C MET A 246 -10.85 6.50 7.36
N TRP A 247 -9.57 6.24 7.15
CA TRP A 247 -8.74 5.42 8.06
C TRP A 247 -7.69 6.27 8.78
N ALA A 248 -7.71 7.57 8.52
CA ALA A 248 -6.71 8.53 9.02
C ALA A 248 -5.30 8.09 8.65
N GLN A 249 -5.14 7.40 7.53
CA GLN A 249 -3.80 6.87 7.19
C GLN A 249 -2.83 7.90 6.62
N GLN A 250 -3.38 8.94 5.98
CA GLN A 250 -2.63 10.08 5.43
C GLN A 250 -3.47 11.32 5.65
N TRP A 251 -2.83 12.45 5.98
CA TRP A 251 -3.59 13.65 6.38
C TRP A 251 -3.54 14.83 5.39
N SER A 252 -3.01 14.59 4.19
CA SER A 252 -2.75 15.71 3.28
C SER A 252 -4.02 16.43 2.82
N GLU A 253 -5.18 15.76 2.89
CA GLU A 253 -6.44 16.41 2.50
C GLU A 253 -6.85 17.62 3.39
N ILE A 254 -6.31 17.70 4.61
CA ILE A 254 -6.63 18.83 5.50
C ILE A 254 -5.48 19.84 5.58
N ALA A 255 -4.51 19.71 4.67
CA ALA A 255 -3.39 20.64 4.60
C ALA A 255 -3.77 22.12 4.56
N ASP A 256 -4.88 22.45 3.92
CA ASP A 256 -5.31 23.84 3.81
C ASP A 256 -5.71 24.46 5.16
N ILE A 257 -5.98 23.63 6.15
CA ILE A 257 -6.31 24.16 7.49
C ILE A 257 -5.18 23.97 8.53
N VAL A 258 -4.16 23.20 8.19
CA VAL A 258 -3.06 22.96 9.15
C VAL A 258 -1.67 23.39 8.62
N SER A 259 -1.64 24.08 7.48
CA SER A 259 -0.39 24.54 6.87
C SER A 259 0.39 25.52 7.76
N PRO A 260 1.71 25.30 7.90
CA PRO A 260 2.56 26.18 8.70
C PRO A 260 2.43 27.66 8.31
N PHE A 261 2.40 27.95 7.01
CA PHE A 261 2.31 29.34 6.52
C PHE A 261 1.13 29.52 5.57
N PRO A 262 -0.06 29.78 6.13
CA PRO A 262 -1.31 29.84 5.37
C PRO A 262 -1.37 30.96 4.33
N GLU A 263 -0.54 31.99 4.46
CA GLU A 263 -0.52 33.10 3.50
C GLU A 263 0.48 32.86 2.36
N LYS A 264 1.21 31.75 2.44
CA LYS A 264 2.16 31.35 1.39
C LYS A 264 1.59 30.15 0.60
N PRO A 265 2.15 29.88 -0.61
CA PRO A 265 1.55 28.84 -1.46
C PRO A 265 1.55 27.44 -0.87
N LEU A 266 0.44 26.73 -1.11
CA LEU A 266 0.32 25.32 -0.82
C LEU A 266 -0.06 24.61 -2.12
N VAL A 267 0.73 23.63 -2.51
CA VAL A 267 0.54 22.96 -3.80
C VAL A 267 -0.71 22.09 -3.78
N ASP A 268 -1.65 22.43 -4.65
CA ASP A 268 -2.85 21.63 -4.88
C ASP A 268 -3.31 21.80 -6.32
N VAL A 269 -2.94 20.86 -7.19
CA VAL A 269 -3.10 21.04 -8.64
C VAL A 269 -4.38 20.49 -9.25
N SER A 270 -5.30 20.01 -8.40
CA SER A 270 -6.54 19.37 -8.86
C SER A 270 -7.36 20.30 -9.74
N ALA A 271 -7.54 21.54 -9.26
CA ALA A 271 -8.26 22.57 -10.01
C ALA A 271 -7.63 22.85 -11.39
N GLU A 272 -6.31 22.94 -11.45
CA GLU A 272 -5.62 23.16 -12.73
C GLU A 272 -5.72 21.97 -13.69
N MET A 273 -5.68 20.75 -13.15
CA MET A 273 -5.91 19.54 -13.92
C MET A 273 -7.27 19.60 -14.62
N GLU A 274 -8.32 19.91 -13.87
CA GLU A 274 -9.67 20.05 -14.41
C GLU A 274 -9.75 21.17 -15.45
N LYS A 275 -9.19 22.34 -15.11
CA LYS A 275 -9.20 23.49 -16.01
C LYS A 275 -8.55 23.17 -17.36
N GLN A 276 -7.49 22.37 -17.34
CA GLN A 276 -6.79 22.00 -18.57
C GLN A 276 -7.39 20.78 -19.29
N GLY A 277 -8.49 20.25 -18.77
CA GLY A 277 -9.19 19.13 -19.41
C GLY A 277 -8.48 17.79 -19.35
N TYR A 278 -7.76 17.54 -18.26
CA TYR A 278 -7.16 16.24 -17.98
C TYR A 278 -8.23 15.13 -17.95
N THR A 279 -7.87 13.96 -18.46
CA THR A 279 -8.71 12.77 -18.39
C THR A 279 -7.89 11.64 -17.78
N PRO A 280 -8.54 10.55 -17.33
CA PRO A 280 -7.77 9.38 -16.90
C PRO A 280 -6.78 8.89 -17.97
N LEU A 281 -7.21 8.85 -19.23
CA LEU A 281 -6.32 8.44 -20.33
C LEU A 281 -5.05 9.29 -20.38
N LYS A 282 -5.21 10.61 -20.32
N LYS A 282 -5.20 10.62 -20.33
CA LYS A 282 -4.10 11.56 -20.28
CA LYS A 282 -4.06 11.53 -20.32
C LYS A 282 -3.16 11.30 -19.11
C LYS A 282 -3.15 11.30 -19.10
N MET A 283 -3.73 11.02 -17.95
CA MET A 283 -2.95 10.75 -16.73
C MET A 283 -2.06 9.50 -16.89
N PHE A 284 -2.62 8.42 -17.42
CA PHE A 284 -1.82 7.22 -17.70
C PHE A 284 -0.77 7.44 -18.79
N GLN A 285 -1.13 8.20 -19.83
CA GLN A 285 -0.16 8.55 -20.88
C GLN A 285 1.02 9.32 -20.31
N MET A 286 0.74 10.21 -19.35
CA MET A 286 1.77 11.00 -18.66
C MET A 286 2.67 10.13 -17.79
N GLY A 287 2.08 9.17 -17.07
CA GLY A 287 2.86 8.18 -16.31
C GLY A 287 3.78 7.38 -17.22
N ASP A 288 3.24 6.92 -18.35
CA ASP A 288 4.01 6.18 -19.35
C ASP A 288 5.20 7.02 -19.83
N ASP A 289 4.94 8.29 -20.11
CA ASP A 289 5.97 9.25 -20.51
C ASP A 289 7.11 9.34 -19.48
N PHE A 290 6.75 9.40 -18.19
CA PHE A 290 7.75 9.50 -17.13
C PHE A 290 8.71 8.29 -17.15
N PHE A 291 8.14 7.08 -17.17
CA PHE A 291 8.97 5.87 -17.22
C PHE A 291 9.86 5.86 -18.48
N THR A 292 9.28 6.10 -19.65
CA THR A 292 10.06 6.07 -20.90
C THR A 292 11.13 7.17 -20.94
N SER A 293 10.86 8.31 -20.29
CA SER A 293 11.83 9.41 -20.21
C SER A 293 13.11 9.02 -19.47
N MET A 294 12.98 8.00 -18.62
CA MET A 294 14.12 7.48 -17.84
C MET A 294 14.77 6.29 -18.56
N ASN A 295 14.39 6.08 -19.83
CA ASN A 295 14.91 4.96 -20.62
C ASN A 295 14.40 3.60 -20.11
N LEU A 296 13.21 3.62 -19.48
CA LEU A 296 12.55 2.40 -19.03
C LEU A 296 11.49 1.97 -20.03
N THR A 297 10.77 0.88 -19.75
CA THR A 297 9.95 0.22 -20.76
C THR A 297 8.57 0.86 -20.96
N LYS A 298 8.23 1.12 -22.22
CA LYS A 298 6.93 1.65 -22.65
C LYS A 298 5.79 0.65 -22.41
N LEU A 299 4.62 1.14 -22.05
CA LEU A 299 3.47 0.25 -21.87
C LEU A 299 3.12 -0.46 -23.20
N PRO A 300 2.88 -1.78 -23.15
CA PRO A 300 2.52 -2.51 -24.37
C PRO A 300 1.06 -2.29 -24.77
N GLN A 301 0.70 -2.66 -26.00
CA GLN A 301 -0.65 -2.45 -26.54
C GLN A 301 -1.74 -3.19 -25.74
N ASP A 302 -1.43 -4.39 -25.25
CA ASP A 302 -2.34 -5.13 -24.37
C ASP A 302 -2.80 -4.27 -23.18
N PHE A 303 -1.87 -3.51 -22.61
CA PHE A 303 -2.22 -2.64 -21.47
C PHE A 303 -3.33 -1.66 -21.85
N TRP A 304 -3.14 -0.94 -22.96
CA TRP A 304 -4.13 0.03 -23.41
C TRP A 304 -5.44 -0.63 -23.83
N ASP A 305 -5.35 -1.79 -24.48
CA ASP A 305 -6.51 -2.51 -24.97
C ASP A 305 -7.39 -3.08 -23.87
N LYS A 306 -6.76 -3.58 -22.80
CA LYS A 306 -7.45 -4.41 -21.82
C LYS A 306 -7.64 -3.77 -20.42
N SER A 307 -6.93 -2.68 -20.13
CA SER A 307 -7.05 -2.05 -18.81
C SER A 307 -8.41 -1.39 -18.63
N ILE A 308 -8.80 -1.20 -17.37
CA ILE A 308 -9.99 -0.43 -17.01
C ILE A 308 -9.51 0.79 -16.21
N ILE A 309 -9.67 1.98 -16.80
CA ILE A 309 -9.11 3.18 -16.19
C ILE A 309 -10.16 4.21 -15.74
N GLU A 310 -11.43 3.82 -15.82
CA GLU A 310 -12.53 4.64 -15.32
C GLU A 310 -13.58 3.73 -14.71
N LYS A 311 -14.29 4.23 -13.70
CA LYS A 311 -15.41 3.48 -13.12
C LYS A 311 -16.50 3.28 -14.18
N PRO A 312 -16.92 2.02 -14.41
CA PRO A 312 -17.99 1.71 -15.38
C PRO A 312 -19.30 2.41 -15.03
N THR A 313 -20.07 2.78 -16.04
CA THR A 313 -21.31 3.54 -15.81
C THR A 313 -22.59 2.72 -15.95
N ASP A 314 -22.47 1.43 -16.24
CA ASP A 314 -23.62 0.52 -16.17
C ASP A 314 -23.94 0.23 -14.70
N GLY A 315 -24.90 -0.64 -14.42
CA GLY A 315 -25.31 -0.86 -13.03
C GLY A 315 -24.39 -1.69 -12.14
N ARG A 316 -23.32 -2.23 -12.74
CA ARG A 316 -22.59 -3.36 -12.14
C ARG A 316 -21.84 -3.10 -10.83
N ASP A 317 -21.71 -4.15 -10.04
CA ASP A 317 -20.84 -4.14 -8.88
C ASP A 317 -19.44 -4.55 -9.31
N LEU A 318 -18.43 -3.88 -8.75
CA LEU A 318 -17.02 -4.21 -9.00
C LEU A 318 -16.16 -3.79 -7.81
N VAL A 319 -14.91 -4.26 -7.80
CA VAL A 319 -13.91 -3.79 -6.85
C VAL A 319 -13.25 -2.55 -7.46
N CYS A 320 -13.44 -1.39 -6.82
CA CYS A 320 -12.81 -0.16 -7.29
C CYS A 320 -11.46 0.12 -6.67
N HIS A 321 -11.12 -0.54 -5.56
CA HIS A 321 -9.79 -0.35 -4.98
C HIS A 321 -8.76 -0.68 -6.05
N ALA A 322 -7.84 0.26 -6.31
CA ALA A 322 -6.93 0.19 -7.46
C ALA A 322 -5.99 -1.03 -7.41
N SER A 323 -5.69 -1.59 -8.58
CA SER A 323 -4.80 -2.75 -8.64
C SER A 323 -4.11 -2.93 -10.00
N ALA A 324 -2.92 -3.54 -9.96
CA ALA A 324 -2.13 -3.86 -11.14
C ALA A 324 -2.00 -5.39 -11.28
N TRP A 325 -2.03 -5.86 -12.52
CA TRP A 325 -2.23 -7.28 -12.81
C TRP A 325 -1.18 -7.81 -13.79
N ASP A 326 -0.52 -8.91 -13.41
CA ASP A 326 0.45 -9.59 -14.28
C ASP A 326 -0.14 -10.92 -14.74
N PHE A 327 -0.23 -11.11 -16.05
CA PHE A 327 -0.86 -12.32 -16.59
C PHE A 327 0.10 -13.45 -16.97
N TYR A 328 1.39 -13.20 -16.75
CA TYR A 328 2.45 -14.22 -16.82
C TYR A 328 2.72 -14.79 -18.21
N LEU A 329 2.39 -14.01 -19.24
CA LEU A 329 2.74 -14.35 -20.61
C LEU A 329 3.84 -13.37 -21.02
N THR A 330 3.73 -12.80 -22.21
CA THR A 330 4.60 -11.71 -22.63
C THR A 330 3.72 -10.48 -22.84
N ASP A 331 4.00 -9.39 -22.12
CA ASP A 331 3.35 -8.09 -22.33
C ASP A 331 1.85 -8.02 -22.03
N ASP A 332 1.28 -9.06 -21.42
CA ASP A 332 -0.12 -8.97 -21.01
C ASP A 332 -0.13 -8.53 -19.55
N VAL A 333 -0.24 -7.22 -19.37
CA VAL A 333 -0.27 -6.56 -18.06
C VAL A 333 -1.39 -5.51 -18.10
N ARG A 334 -2.05 -5.27 -16.98
CA ARG A 334 -3.25 -4.41 -16.93
C ARG A 334 -3.41 -3.71 -15.60
N ILE A 335 -4.09 -2.58 -15.62
CA ILE A 335 -4.52 -1.89 -14.40
C ILE A 335 -6.05 -1.82 -14.39
N LYS A 336 -6.63 -1.91 -13.19
CA LYS A 336 -8.03 -1.57 -12.95
C LYS A 336 -8.06 -0.46 -11.91
N GLN A 337 -8.40 0.75 -12.35
CA GLN A 337 -8.45 1.90 -11.44
C GLN A 337 -9.67 2.75 -11.76
N CYS A 338 -10.44 3.09 -10.73
CA CYS A 338 -11.60 3.97 -10.91
C CYS A 338 -11.09 5.42 -10.83
N THR A 339 -10.34 5.81 -11.87
CA THR A 339 -9.54 7.03 -11.87
C THR A 339 -10.37 8.30 -11.77
N ARG A 340 -9.92 9.21 -10.91
CA ARG A 340 -10.50 10.55 -10.79
C ARG A 340 -9.42 11.58 -11.13
N VAL A 341 -9.85 12.78 -11.54
CA VAL A 341 -8.93 13.85 -11.93
C VAL A 341 -8.52 14.70 -10.70
N THR A 342 -7.58 14.20 -9.91
CA THR A 342 -7.05 14.91 -8.73
C THR A 342 -5.55 14.75 -8.64
N GLN A 343 -4.91 15.60 -7.83
CA GLN A 343 -3.47 15.52 -7.54
C GLN A 343 -3.11 14.14 -6.94
N ASP A 344 -3.83 13.74 -5.91
CA ASP A 344 -3.64 12.45 -5.26
C ASP A 344 -3.75 11.28 -6.26
N GLN A 345 -4.70 11.39 -7.17
CA GLN A 345 -4.89 10.36 -8.22
C GLN A 345 -3.78 10.34 -9.27
N LEU A 346 -3.17 11.49 -9.55
CA LEU A 346 -2.01 11.56 -10.45
C LEU A 346 -0.85 10.77 -9.84
N PHE A 347 -0.66 10.92 -8.53
CA PHE A 347 0.36 10.16 -7.79
C PHE A 347 0.00 8.67 -7.77
N THR A 348 -1.28 8.36 -7.55
CA THR A 348 -1.77 6.98 -7.54
C THR A 348 -1.49 6.27 -8.88
N VAL A 349 -1.74 6.96 -10.00
CA VAL A 349 -1.48 6.42 -11.34
C VAL A 349 -0.02 5.97 -11.45
N HIS A 350 0.90 6.81 -10.97
CA HIS A 350 2.34 6.46 -11.00
C HIS A 350 2.70 5.28 -10.09
N HIS A 351 2.06 5.21 -8.91
CA HIS A 351 2.20 4.05 -8.03
C HIS A 351 1.83 2.75 -8.77
N GLU A 352 0.65 2.72 -9.38
CA GLU A 352 0.19 1.53 -10.09
C GLU A 352 1.07 1.18 -11.27
N LEU A 353 1.56 2.19 -12.00
CA LEU A 353 2.44 1.96 -13.15
C LEU A 353 3.80 1.44 -12.72
N GLY A 354 4.18 1.70 -11.46
CA GLY A 354 5.40 1.13 -10.85
C GLY A 354 5.34 -0.39 -10.76
N HIS A 355 4.18 -0.93 -10.39
CA HIS A 355 3.94 -2.37 -10.41
C HIS A 355 4.09 -2.92 -11.83
N ILE A 356 3.42 -2.26 -12.79
CA ILE A 356 3.45 -2.67 -14.20
C ILE A 356 4.90 -2.71 -14.73
N GLN A 357 5.66 -1.66 -14.44
CA GLN A 357 7.06 -1.63 -14.88
C GLN A 357 7.86 -2.81 -14.34
N TYR A 358 7.66 -3.14 -13.06
CA TYR A 358 8.34 -4.27 -12.44
C TYR A 358 7.96 -5.57 -13.19
N PHE A 359 6.67 -5.74 -13.51
CA PHE A 359 6.21 -6.90 -14.29
C PHE A 359 6.98 -7.06 -15.61
N LEU A 360 7.11 -5.95 -16.33
CA LEU A 360 7.77 -5.92 -17.63
C LEU A 360 9.26 -6.19 -17.50
N GLN A 361 9.88 -5.63 -16.44
CA GLN A 361 11.32 -5.79 -16.19
C GLN A 361 11.77 -7.24 -15.87
N TYR A 362 10.92 -7.99 -15.17
CA TYR A 362 11.28 -9.37 -14.80
C TYR A 362 10.56 -10.50 -15.57
N GLN A 363 9.84 -10.16 -16.64
CA GLN A 363 9.03 -11.16 -17.34
C GLN A 363 9.84 -12.24 -18.07
N HIS A 364 11.14 -12.00 -18.26
CA HIS A 364 12.05 -13.01 -18.84
C HIS A 364 12.56 -14.02 -17.80
N GLN A 365 12.32 -13.74 -16.51
CA GLN A 365 12.74 -14.65 -15.42
C GLN A 365 11.91 -15.94 -15.37
N PRO A 366 12.47 -17.04 -14.82
CA PRO A 366 11.61 -18.20 -14.52
C PRO A 366 10.42 -17.79 -13.66
N PHE A 367 9.29 -18.46 -13.84
CA PHE A 367 8.06 -18.12 -13.14
C PHE A 367 8.24 -17.78 -11.65
N VAL A 368 8.91 -18.66 -10.90
CA VAL A 368 9.05 -18.44 -9.44
C VAL A 368 9.78 -17.15 -9.08
N TYR A 369 10.58 -16.62 -10.02
CA TYR A 369 11.32 -15.37 -9.79
C TYR A 369 10.55 -14.13 -10.31
N ARG A 370 9.39 -14.35 -10.92
CA ARG A 370 8.59 -13.23 -11.44
C ARG A 370 7.73 -12.61 -10.33
N THR A 371 8.40 -11.97 -9.38
CA THR A 371 7.76 -11.25 -8.26
C THR A 371 8.80 -10.30 -7.68
N GLY A 372 8.42 -9.45 -6.72
CA GLY A 372 9.36 -8.48 -6.14
C GLY A 372 10.49 -9.11 -5.34
N ALA A 373 11.62 -8.41 -5.24
CA ALA A 373 12.73 -8.88 -4.41
C ALA A 373 12.28 -9.13 -2.96
N ASN A 374 11.45 -8.21 -2.45
CA ASN A 374 10.56 -8.50 -1.30
C ASN A 374 9.29 -7.67 -1.53
N PRO A 375 8.20 -7.93 -0.79
CA PRO A 375 6.99 -7.19 -1.14
C PRO A 375 7.11 -5.66 -1.05
N GLY A 376 7.97 -5.15 -0.17
CA GLY A 376 8.20 -3.71 -0.08
C GLY A 376 8.79 -3.09 -1.34
N PHE A 377 9.69 -3.82 -2.01
CA PHE A 377 10.25 -3.37 -3.30
C PHE A 377 9.18 -3.06 -4.33
N HIS A 378 8.19 -3.94 -4.46
CA HIS A 378 7.13 -3.77 -5.46
C HIS A 378 6.33 -2.50 -5.21
N GLU A 379 6.06 -2.21 -3.94
CA GLU A 379 5.26 -1.02 -3.58
C GLU A 379 6.09 0.27 -3.71
N ALA A 380 7.41 0.15 -3.63
CA ALA A 380 8.28 1.33 -3.65
C ALA A 380 8.46 1.99 -5.02
N VAL A 381 8.47 1.18 -6.09
CA VAL A 381 8.92 1.63 -7.43
C VAL A 381 8.21 2.91 -7.86
N GLY A 382 6.88 2.85 -7.96
CA GLY A 382 6.07 3.97 -8.42
C GLY A 382 6.09 5.17 -7.49
N ASP A 383 6.24 4.92 -6.19
CA ASP A 383 6.33 6.00 -5.18
C ASP A 383 7.59 6.83 -5.34
N VAL A 384 8.67 6.22 -5.80
CA VAL A 384 9.90 6.96 -6.07
C VAL A 384 9.66 8.00 -7.16
N LEU A 385 8.95 7.62 -8.22
CA LEU A 385 8.61 8.58 -9.28
C LEU A 385 7.61 9.62 -8.78
N SER A 386 6.60 9.18 -8.02
CA SER A 386 5.59 10.08 -7.44
C SER A 386 6.20 11.16 -6.55
N LEU A 387 7.32 10.84 -5.88
CA LEU A 387 8.04 11.84 -5.10
C LEU A 387 8.54 12.98 -5.99
N SER A 388 9.08 12.64 -7.17
CA SER A 388 9.46 13.64 -8.18
C SER A 388 8.25 14.38 -8.74
N VAL A 389 7.22 13.62 -9.14
CA VAL A 389 6.00 14.21 -9.69
C VAL A 389 5.44 15.28 -8.75
N SER A 390 5.53 15.03 -7.45
CA SER A 390 4.96 15.92 -6.44
C SER A 390 5.73 17.22 -6.19
N THR A 391 6.99 17.29 -6.65
CA THR A 391 7.82 18.49 -6.43
C THR A 391 7.28 19.71 -7.18
N PRO A 392 7.40 20.89 -6.56
CA PRO A 392 7.15 22.13 -7.29
C PRO A 392 7.91 22.17 -8.62
N LYS A 393 9.17 21.72 -8.60
CA LYS A 393 9.98 21.65 -9.81
C LYS A 393 9.28 20.94 -10.98
N HIS A 394 8.76 19.74 -10.73
CA HIS A 394 8.11 18.98 -11.79
C HIS A 394 6.76 19.56 -12.17
N LEU A 395 6.00 19.97 -11.16
CA LEU A 395 4.65 20.46 -11.40
C LEU A 395 4.63 21.75 -12.21
N GLU A 396 5.66 22.58 -12.05
CA GLU A 396 5.86 23.75 -12.92
C GLU A 396 6.19 23.37 -14.37
N LYS A 397 7.03 22.35 -14.55
CA LYS A 397 7.38 21.85 -15.90
C LYS A 397 6.15 21.44 -16.72
N ILE A 398 5.16 20.84 -16.07
CA ILE A 398 3.98 20.36 -16.77
C ILE A 398 2.81 21.34 -16.69
N GLY A 399 3.08 22.57 -16.26
CA GLY A 399 2.09 23.64 -16.28
C GLY A 399 0.94 23.51 -15.31
N LEU A 400 1.09 22.64 -14.30
CA LEU A 400 0.04 22.45 -13.29
C LEU A 400 0.19 23.40 -12.10
N LEU A 401 1.41 23.90 -11.87
CA LEU A 401 1.68 24.81 -10.78
C LEU A 401 2.12 26.17 -11.31
N LYS A 402 1.31 27.20 -11.06
CA LYS A 402 1.52 28.52 -11.65
C LYS A 402 1.87 29.59 -10.62
N ASP A 403 2.76 30.51 -11.02
CA ASP A 403 3.16 31.67 -10.21
C ASP A 403 3.71 31.31 -8.83
N TYR A 404 4.52 30.25 -8.77
CA TYR A 404 5.06 29.73 -7.54
C TYR A 404 6.39 30.41 -7.19
N VAL A 405 6.49 30.95 -5.97
CA VAL A 405 7.75 31.51 -5.46
C VAL A 405 8.26 30.59 -4.34
N ARG A 406 9.39 29.92 -4.59
CA ARG A 406 9.89 28.92 -3.66
C ARG A 406 10.80 29.55 -2.59
N ASP A 407 10.22 30.31 -1.68
CA ASP A 407 11.00 30.86 -0.56
C ASP A 407 11.06 29.87 0.62
N ASP A 408 11.63 30.29 1.75
CA ASP A 408 11.78 29.43 2.92
C ASP A 408 10.43 28.94 3.47
N GLU A 409 9.45 29.84 3.48
CA GLU A 409 8.12 29.52 4.00
C GLU A 409 7.37 28.54 3.10
N ALA A 410 7.43 28.75 1.78
CA ALA A 410 6.79 27.82 0.84
C ALA A 410 7.45 26.45 0.92
N ARG A 411 8.77 26.43 1.13
CA ARG A 411 9.48 25.17 1.31
C ARG A 411 8.96 24.38 2.53
N ILE A 412 8.84 25.04 3.67
CA ILE A 412 8.26 24.42 4.87
C ILE A 412 6.85 23.88 4.62
N ASN A 413 6.01 24.68 3.96
CA ASN A 413 4.67 24.23 3.58
C ASN A 413 4.70 22.92 2.78
N GLN A 414 5.65 22.82 1.82
CA GLN A 414 5.73 21.65 0.94
C GLN A 414 6.29 20.43 1.67
N LEU A 415 7.32 20.64 2.48
CA LEU A 415 7.84 19.59 3.36
C LEU A 415 6.77 19.05 4.30
N PHE A 416 6.01 19.97 4.92
CA PHE A 416 4.96 19.58 5.85
C PHE A 416 3.89 18.77 5.13
N LEU A 417 3.46 19.25 3.96
CA LEU A 417 2.49 18.55 3.13
C LEU A 417 2.98 17.13 2.83
N THR A 418 4.25 16.98 2.45
CA THR A 418 4.82 15.65 2.19
C THR A 418 4.82 14.76 3.47
N ALA A 419 5.13 15.35 4.62
CA ALA A 419 5.17 14.61 5.90
C ALA A 419 3.78 14.11 6.30
N LEU A 420 2.76 14.90 5.97
CA LEU A 420 1.37 14.52 6.25
C LEU A 420 0.98 13.21 5.54
N ASP A 421 1.71 12.85 4.47
CA ASP A 421 1.58 11.54 3.83
C ASP A 421 2.65 10.57 4.29
N LYS A 422 3.90 11.00 4.27
CA LYS A 422 5.03 10.07 4.39
C LYS A 422 5.42 9.68 5.83
N ILE A 423 5.30 10.61 6.78
CA ILE A 423 5.58 10.31 8.18
C ILE A 423 4.31 9.78 8.90
N VAL A 424 3.20 10.48 8.70
CA VAL A 424 1.95 10.06 9.30
C VAL A 424 1.64 8.57 9.03
N PHE A 425 1.87 8.13 7.79
CA PHE A 425 1.59 6.75 7.35
C PHE A 425 2.30 5.66 8.13
N LEU A 426 3.51 5.95 8.62
CA LEU A 426 4.33 4.91 9.23
C LEU A 426 3.68 4.16 10.42
N PRO A 427 3.23 4.89 11.47
CA PRO A 427 2.56 4.12 12.53
C PRO A 427 1.28 3.45 12.05
N PHE A 428 0.55 4.11 11.15
CA PHE A 428 -0.65 3.48 10.59
C PHE A 428 -0.37 2.09 9.99
N ALA A 429 0.65 2.02 9.13
CA ALA A 429 0.96 0.80 8.38
C ALA A 429 1.48 -0.28 9.32
N PHE A 430 2.34 0.10 10.27
CA PHE A 430 2.82 -0.82 11.30
C PHE A 430 1.65 -1.48 12.05
N THR A 431 0.62 -0.71 12.42
CA THR A 431 -0.51 -1.24 13.21
C THR A 431 -1.42 -2.23 12.45
N MET A 432 -1.56 -2.08 11.13
CA MET A 432 -2.42 -2.99 10.35
C MET A 432 -1.92 -4.43 10.47
N ASP A 433 -0.61 -4.61 10.41
CA ASP A 433 -0.06 -5.94 10.60
C ASP A 433 0.22 -6.34 12.07
N LYS A 434 0.59 -5.40 12.94
CA LYS A 434 0.72 -5.74 14.38
C LYS A 434 -0.60 -6.30 14.86
N TYR A 435 -1.70 -5.70 14.40
CA TYR A 435 -3.03 -6.20 14.77
C TYR A 435 -3.29 -7.62 14.28
N ARG A 436 -3.14 -7.84 12.97
CA ARG A 436 -3.41 -9.16 12.39
C ARG A 436 -2.43 -10.22 12.91
N TRP A 437 -1.15 -9.85 13.03
CA TRP A 437 -0.20 -10.78 13.65
C TRP A 437 -0.66 -11.26 15.03
N SER A 438 -1.13 -10.33 15.86
CA SER A 438 -1.55 -10.69 17.21
C SER A 438 -2.77 -11.64 17.21
N LEU A 439 -3.66 -11.50 16.24
CA LEU A 439 -4.79 -12.44 16.09
C LEU A 439 -4.31 -13.79 15.58
N PHE A 440 -3.46 -13.75 14.54
CA PHE A 440 -2.86 -14.95 13.93
C PHE A 440 -2.10 -15.80 14.96
N ARG A 441 -1.34 -15.12 15.83
CA ARG A 441 -0.53 -15.75 16.88
C ARG A 441 -1.36 -16.21 18.10
N GLY A 442 -2.66 -15.94 18.11
CA GLY A 442 -3.50 -16.33 19.23
C GLY A 442 -3.24 -15.54 20.51
N GLU A 443 -2.83 -14.28 20.36
CA GLU A 443 -2.42 -13.46 21.50
C GLU A 443 -3.58 -12.65 22.09
N VAL A 444 -4.70 -12.61 21.38
CA VAL A 444 -5.86 -11.86 21.84
C VAL A 444 -7.07 -12.78 21.87
N ASP A 445 -7.79 -12.80 23.00
CA ASP A 445 -9.05 -13.55 23.10
C ASP A 445 -10.11 -12.90 22.23
N LYS A 446 -10.96 -13.74 21.62
CA LYS A 446 -12.00 -13.31 20.69
C LYS A 446 -12.93 -12.25 21.30
N ALA A 447 -13.14 -12.34 22.61
CA ALA A 447 -13.95 -11.35 23.34
C ALA A 447 -13.31 -9.95 23.30
N ASN A 448 -12.01 -9.87 23.00
CA ASN A 448 -11.29 -8.59 23.02
C ASN A 448 -10.81 -8.07 21.66
N TRP A 449 -11.23 -8.71 20.58
CA TRP A 449 -10.70 -8.41 19.24
C TRP A 449 -10.91 -6.97 18.75
N ASN A 450 -12.07 -6.37 19.04
CA ASN A 450 -12.25 -5.00 18.53
C ASN A 450 -11.47 -3.96 19.30
N CYS A 451 -11.44 -4.08 20.61
CA CYS A 451 -10.81 -3.03 21.35
C CYS A 451 -9.30 -3.19 21.24
N ALA A 452 -8.83 -4.40 20.88
CA ALA A 452 -7.39 -4.61 20.59
C ALA A 452 -6.91 -3.82 19.35
N PHE A 453 -7.80 -3.68 18.36
CA PHE A 453 -7.55 -2.86 17.16
C PHE A 453 -7.39 -1.39 17.56
N TRP A 454 -8.41 -0.85 18.21
CA TRP A 454 -8.39 0.57 18.59
C TRP A 454 -7.28 0.92 19.60
N LYS A 455 -6.92 -0.03 20.47
CA LYS A 455 -5.79 0.16 21.40
C LYS A 455 -4.47 0.41 20.64
N LEU A 456 -4.22 -0.38 19.59
CA LEU A 456 -3.04 -0.17 18.75
C LEU A 456 -3.13 1.17 18.00
N ARG A 457 -4.29 1.49 17.44
CA ARG A 457 -4.42 2.77 16.73
C ARG A 457 -4.10 3.96 17.66
N ASP A 458 -4.49 3.83 18.92
CA ASP A 458 -4.29 4.85 19.97
C ASP A 458 -2.80 4.91 20.28
N GLU A 459 -2.27 3.78 20.74
CA GLU A 459 -0.88 3.67 21.17
C GLU A 459 0.12 4.17 20.12
N TYR A 460 -0.07 3.79 18.85
CA TYR A 460 0.91 4.15 17.81
C TYR A 460 0.61 5.46 17.08
N SER A 461 -0.66 5.71 16.75
CA SER A 461 -1.01 6.88 15.91
C SER A 461 -1.68 8.03 16.70
N GLY A 462 -2.18 7.78 17.91
CA GLY A 462 -2.76 8.86 18.71
C GLY A 462 -4.04 9.37 18.09
N ILE A 463 -4.77 8.45 17.47
CA ILE A 463 -6.09 8.78 16.91
C ILE A 463 -7.14 7.87 17.54
N GLU A 464 -8.42 8.22 17.38
CA GLU A 464 -9.48 7.41 17.95
C GLU A 464 -10.77 7.59 17.13
N PRO A 465 -11.72 6.66 17.25
CA PRO A 465 -13.03 6.81 16.58
C PRO A 465 -13.78 8.07 17.03
N PRO A 466 -14.68 8.59 16.17
CA PRO A 466 -15.50 9.78 16.43
C PRO A 466 -16.61 9.51 17.46
N VAL A 467 -17.02 8.25 17.60
CA VAL A 467 -18.08 7.81 18.50
C VAL A 467 -17.55 6.64 19.33
N VAL A 468 -18.20 6.37 20.46
CA VAL A 468 -17.84 5.25 21.32
C VAL A 468 -18.14 3.92 20.61
N ARG A 469 -17.12 3.07 20.49
CA ARG A 469 -17.24 1.71 19.95
C ARG A 469 -17.11 0.70 21.11
N SER A 470 -17.39 -0.57 20.84
CA SER A 470 -17.33 -1.61 21.85
C SER A 470 -17.18 -2.92 21.13
N GLU A 471 -17.18 -4.02 21.89
CA GLU A 471 -17.00 -5.34 21.31
C GLU A 471 -18.23 -5.81 20.51
N LYS A 472 -19.28 -5.00 20.50
CA LYS A 472 -20.40 -5.23 19.60
C LYS A 472 -20.12 -4.77 18.16
N ASP A 473 -19.08 -3.95 17.98
CA ASP A 473 -18.65 -3.55 16.64
C ASP A 473 -17.43 -4.37 16.24
N PHE A 474 -17.14 -4.39 14.95
CA PHE A 474 -15.90 -5.01 14.47
C PHE A 474 -15.32 -4.19 13.32
N ASP A 475 -14.35 -3.34 13.63
CA ASP A 475 -13.98 -2.23 12.75
C ASP A 475 -12.81 -2.50 11.78
N ALA A 476 -11.96 -3.45 12.11
CA ALA A 476 -10.78 -3.69 11.28
C ALA A 476 -11.09 -3.97 9.79
N PRO A 477 -12.11 -4.83 9.47
CA PRO A 477 -12.36 -5.09 8.05
C PRO A 477 -12.89 -3.90 7.23
N ALA A 478 -13.05 -2.74 7.87
CA ALA A 478 -13.49 -1.54 7.13
C ALA A 478 -12.34 -0.96 6.31
N LYS A 479 -11.13 -1.49 6.51
CA LYS A 479 -9.97 -1.20 5.66
C LYS A 479 -9.85 -2.29 4.59
N TYR A 480 -9.71 -1.88 3.33
CA TYR A 480 -9.75 -2.81 2.18
C TYR A 480 -8.87 -4.04 2.36
N HIS A 481 -7.60 -3.80 2.68
CA HIS A 481 -6.61 -4.86 2.78
C HIS A 481 -6.94 -5.88 3.85
N ILE A 482 -7.62 -5.44 4.90
CA ILE A 482 -8.05 -6.37 5.94
C ILE A 482 -9.20 -7.26 5.44
N SER A 483 -10.24 -6.67 4.84
CA SER A 483 -11.26 -7.49 4.16
C SER A 483 -10.73 -8.39 3.03
N ALA A 484 -9.69 -7.93 2.32
CA ALA A 484 -9.21 -8.61 1.11
C ALA A 484 -7.99 -9.51 1.36
N ASP A 485 -7.60 -9.66 2.62
CA ASP A 485 -6.50 -10.52 3.03
C ASP A 485 -5.21 -10.17 2.27
N VAL A 486 -4.83 -8.89 2.36
CA VAL A 486 -3.58 -8.40 1.75
C VAL A 486 -2.61 -7.95 2.85
N GLU A 487 -1.44 -8.56 2.89
CA GLU A 487 -0.39 -8.23 3.86
C GLU A 487 -0.05 -6.73 3.76
N TYR A 488 0.14 -6.06 4.91
CA TYR A 488 0.31 -4.58 4.90
C TYR A 488 1.74 -4.10 5.19
N LEU A 489 2.56 -4.96 5.78
CA LEU A 489 3.94 -4.59 6.11
C LEU A 489 4.74 -4.10 4.90
N ARG A 490 4.42 -4.66 3.73
CA ARG A 490 4.95 -4.19 2.45
C ARG A 490 4.97 -2.65 2.34
N TYR A 491 3.93 -1.99 2.84
CA TYR A 491 3.82 -0.54 2.69
C TYR A 491 4.75 0.20 3.67
N LEU A 492 4.91 -0.36 4.87
CA LEU A 492 5.86 0.19 5.83
C LEU A 492 7.29 0.08 5.29
N VAL A 493 7.66 -1.11 4.82
CA VAL A 493 8.97 -1.34 4.19
C VAL A 493 9.16 -0.38 3.00
N SER A 494 8.16 -0.31 2.12
CA SER A 494 8.14 0.64 1.00
C SER A 494 8.42 2.09 1.41
N PHE A 495 7.70 2.59 2.41
CA PHE A 495 7.88 3.99 2.84
C PHE A 495 9.27 4.31 3.37
N ILE A 496 9.97 3.31 3.92
CA ILE A 496 11.37 3.44 4.35
C ILE A 496 12.34 3.34 3.15
N ILE A 497 12.25 2.26 2.39
CA ILE A 497 13.21 2.04 1.29
C ILE A 497 13.03 2.98 0.10
N GLN A 498 11.81 3.51 -0.13
CA GLN A 498 11.62 4.42 -1.26
C GLN A 498 12.46 5.71 -1.13
N PHE A 499 12.82 6.07 0.11
CA PHE A 499 13.68 7.21 0.34
C PHE A 499 15.15 6.87 0.08
N GLN A 500 15.55 5.63 0.39
CA GLN A 500 16.87 5.13 -0.03
C GLN A 500 17.00 5.13 -1.55
N PHE A 501 15.96 4.66 -2.25
CA PHE A 501 15.93 4.66 -3.72
C PHE A 501 15.92 6.08 -4.31
N TYR A 502 15.08 6.94 -3.72
CA TYR A 502 14.92 8.32 -4.20
C TYR A 502 16.20 9.13 -4.04
N LYS A 503 16.81 9.05 -2.86
CA LYS A 503 18.06 9.73 -2.61
C LYS A 503 19.15 9.31 -3.60
N SER A 504 19.32 8.00 -3.78
CA SER A 504 20.31 7.48 -4.72
C SER A 504 20.05 7.87 -6.17
N ALA A 505 18.79 7.77 -6.60
CA ALA A 505 18.38 8.14 -7.96
C ALA A 505 18.60 9.63 -8.23
N CYS A 506 18.31 10.46 -7.21
CA CYS A 506 18.54 11.89 -7.29
C CYS A 506 20.03 12.26 -7.41
N ILE A 507 20.88 11.57 -6.63
CA ILE A 507 22.33 11.76 -6.76
C ILE A 507 22.77 11.35 -8.18
N LYS A 508 22.37 10.17 -8.63
CA LYS A 508 22.70 9.70 -9.99
C LYS A 508 22.24 10.65 -11.09
N ALA A 509 21.12 11.34 -10.87
CA ALA A 509 20.54 12.27 -11.85
C ALA A 509 21.19 13.66 -11.78
N GLY A 510 22.10 13.87 -10.84
CA GLY A 510 22.68 15.19 -10.60
C GLY A 510 21.70 16.18 -10.00
N GLN A 511 20.70 15.65 -9.29
CA GLN A 511 19.59 16.43 -8.78
C GLN A 511 19.64 16.65 -7.27
N TYR A 512 20.59 16.01 -6.61
CA TYR A 512 20.77 16.21 -5.18
C TYR A 512 22.23 16.24 -4.82
N ASP A 513 22.62 17.30 -4.12
CA ASP A 513 23.94 17.42 -3.53
C ASP A 513 23.72 18.08 -2.18
N PRO A 514 24.07 17.38 -1.09
CA PRO A 514 23.82 17.88 0.27
C PRO A 514 24.55 19.18 0.63
N ASP A 515 25.58 19.52 -0.13
CA ASP A 515 26.36 20.74 0.11
C ASP A 515 26.01 21.87 -0.85
N ASN A 516 25.00 21.65 -1.69
CA ASN A 516 24.57 22.63 -2.64
C ASN A 516 23.14 23.08 -2.36
N VAL A 517 23.01 24.30 -1.84
CA VAL A 517 21.72 24.91 -1.53
C VAL A 517 20.75 24.91 -2.72
N GLU A 518 21.32 24.86 -3.93
CA GLU A 518 20.52 24.84 -5.15
C GLU A 518 19.96 23.46 -5.51
N LEU A 519 20.44 22.41 -4.84
CA LEU A 519 19.99 21.05 -5.15
C LEU A 519 19.48 20.30 -3.91
N PRO A 520 18.37 20.80 -3.31
CA PRO A 520 17.79 20.13 -2.13
C PRO A 520 17.05 18.85 -2.50
N LEU A 521 17.05 17.87 -1.60
CA LEU A 521 16.46 16.56 -1.92
C LEU A 521 14.96 16.69 -2.17
N ASP A 522 14.32 17.60 -1.43
CA ASP A 522 12.87 17.80 -1.53
C ASP A 522 12.40 18.57 -2.80
N ASN A 523 13.32 18.94 -3.68
CA ASN A 523 12.92 19.46 -4.99
C ASN A 523 13.52 18.69 -6.17
N CYS A 524 13.90 17.43 -5.93
CA CYS A 524 14.55 16.62 -6.97
C CYS A 524 13.54 16.09 -8.00
N ASP A 525 13.83 16.32 -9.29
CA ASP A 525 13.02 15.74 -10.36
C ASP A 525 13.88 14.80 -11.20
N ILE A 526 13.61 13.50 -11.08
CA ILE A 526 14.32 12.50 -11.87
C ILE A 526 13.76 12.30 -13.29
N TYR A 527 12.74 13.07 -13.67
CA TYR A 527 12.20 12.99 -15.04
C TYR A 527 13.34 13.10 -16.04
N GLY A 528 13.34 12.22 -17.04
CA GLY A 528 14.31 12.30 -18.13
C GLY A 528 15.70 11.75 -17.83
N SER A 529 15.91 11.22 -16.63
CA SER A 529 17.24 10.72 -16.24
C SER A 529 17.47 9.25 -16.62
N ALA A 530 18.34 9.03 -17.62
CA ALA A 530 18.76 7.68 -18.01
C ALA A 530 19.66 7.01 -16.95
N ALA A 531 20.42 7.81 -16.22
CA ALA A 531 21.22 7.33 -15.08
C ALA A 531 20.34 6.70 -13.98
N ALA A 532 19.27 7.40 -13.58
CA ALA A 532 18.32 6.88 -12.60
C ALA A 532 17.64 5.61 -13.13
N GLY A 533 17.23 5.67 -14.40
CA GLY A 533 16.59 4.54 -15.07
C GLY A 533 17.44 3.27 -15.12
N ALA A 534 18.74 3.44 -15.35
CA ALA A 534 19.67 2.32 -15.36
C ALA A 534 19.73 1.58 -14.03
N ALA A 535 19.73 2.33 -12.93
CA ALA A 535 19.71 1.75 -11.60
C ALA A 535 18.44 0.90 -11.38
N PHE A 536 17.28 1.44 -11.78
CA PHE A 536 16.02 0.71 -11.78
C PHE A 536 16.05 -0.54 -12.65
N HIS A 537 16.59 -0.43 -13.87
CA HIS A 537 16.72 -1.61 -14.72
C HIS A 537 17.57 -2.69 -14.05
N ASN A 538 18.74 -2.32 -13.54
CA ASN A 538 19.64 -3.27 -12.86
C ASN A 538 18.95 -4.03 -11.72
N MET A 539 18.13 -3.33 -10.95
CA MET A 539 17.47 -3.91 -9.80
C MET A 539 16.22 -4.70 -10.19
N LEU A 540 15.31 -4.06 -10.94
CA LEU A 540 14.02 -4.68 -11.22
C LEU A 540 14.12 -5.91 -12.09
N SER A 541 15.08 -5.94 -13.01
CA SER A 541 15.20 -7.07 -13.93
C SER A 541 15.56 -8.38 -13.20
N MET A 542 16.04 -8.24 -11.97
CA MET A 542 16.40 -9.39 -11.12
C MET A 542 15.20 -10.16 -10.59
N GLY A 543 14.04 -9.50 -10.52
CA GLY A 543 12.88 -10.07 -9.85
C GLY A 543 13.25 -10.61 -8.46
N ALA A 544 12.85 -11.85 -8.19
CA ALA A 544 13.17 -12.49 -6.91
C ALA A 544 14.26 -13.55 -7.06
N SER A 545 15.10 -13.40 -8.09
CA SER A 545 16.19 -14.35 -8.35
C SER A 545 17.27 -14.38 -7.25
N LYS A 546 17.37 -13.29 -6.49
CA LYS A 546 18.36 -13.18 -5.41
C LYS A 546 17.70 -12.63 -4.13
N PRO A 547 18.26 -12.95 -2.94
CA PRO A 547 17.76 -12.34 -1.70
C PRO A 547 17.78 -10.80 -1.84
N TRP A 548 16.80 -10.13 -1.24
CA TRP A 548 16.61 -8.70 -1.46
C TRP A 548 17.82 -7.78 -1.21
N PRO A 549 18.72 -8.12 -0.24
CA PRO A 549 19.87 -7.21 -0.13
C PRO A 549 20.73 -7.16 -1.41
N ASP A 550 20.71 -8.24 -2.18
CA ASP A 550 21.41 -8.28 -3.48
C ASP A 550 20.76 -7.36 -4.50
N ALA A 551 19.43 -7.23 -4.41
CA ALA A 551 18.69 -6.34 -5.29
C ALA A 551 18.94 -4.86 -4.96
N LEU A 552 19.00 -4.55 -3.66
CA LEU A 552 19.33 -3.18 -3.23
C LEU A 552 20.75 -2.86 -3.67
N GLU A 553 21.65 -3.82 -3.53
CA GLU A 553 23.03 -3.62 -3.94
C GLU A 553 23.16 -3.28 -5.43
N ALA A 554 22.40 -3.98 -6.27
CA ALA A 554 22.33 -3.69 -7.70
C ALA A 554 21.90 -2.25 -7.99
N PHE A 555 21.07 -1.68 -7.12
CA PHE A 555 20.59 -0.31 -7.30
C PHE A 555 21.64 0.74 -6.89
N ASN A 556 22.18 0.64 -5.67
CA ASN A 556 23.06 1.69 -5.14
C ASN A 556 24.24 1.22 -4.30
N GLY A 557 24.57 -0.07 -4.38
CA GLY A 557 25.71 -0.62 -3.63
C GLY A 557 25.48 -0.89 -2.14
N GLU A 558 24.29 -0.60 -1.64
CA GLU A 558 23.98 -0.84 -0.21
C GLU A 558 23.28 -2.18 -0.02
N ARG A 559 23.31 -2.71 1.20
CA ARG A 559 22.72 -4.03 1.48
C ARG A 559 21.79 -4.02 2.71
N ILE A 560 21.61 -2.84 3.32
CA ILE A 560 20.90 -2.70 4.59
C ILE A 560 19.66 -1.77 4.46
N MET A 561 18.52 -2.23 4.95
CA MET A 561 17.35 -1.35 5.06
C MET A 561 17.62 -0.32 6.17
N SER A 562 17.46 0.96 5.86
CA SER A 562 17.86 2.01 6.79
C SER A 562 16.96 3.23 6.77
N GLY A 563 16.68 3.79 7.95
CA GLY A 563 15.86 5.00 8.07
C GLY A 563 16.64 6.30 7.90
N LYS A 564 17.92 6.18 7.55
CA LYS A 564 18.76 7.36 7.38
C LYS A 564 18.25 8.32 6.28
N ALA A 565 17.80 7.76 5.15
CA ALA A 565 17.43 8.57 4.01
C ALA A 565 16.14 9.36 4.26
N ILE A 566 15.12 8.70 4.82
CA ILE A 566 13.89 9.41 5.14
C ILE A 566 14.12 10.52 6.17
N ALA A 567 14.98 10.28 7.17
CA ALA A 567 15.30 11.32 8.15
C ALA A 567 16.05 12.50 7.51
N GLU A 568 16.93 12.19 6.55
CA GLU A 568 17.68 13.22 5.81
C GLU A 568 16.70 14.11 5.03
N TYR A 569 15.75 13.49 4.32
CA TYR A 569 14.75 14.24 3.58
C TYR A 569 14.03 15.25 4.49
N PHE A 570 13.62 14.80 5.67
CA PHE A 570 12.77 15.64 6.55
C PHE A 570 13.51 16.48 7.57
N GLU A 571 14.83 16.42 7.57
CA GLU A 571 15.62 17.15 8.56
C GLU A 571 15.31 18.67 8.64
N PRO A 572 15.14 19.38 7.49
CA PRO A 572 14.82 20.81 7.60
C PRO A 572 13.45 21.05 8.25
N LEU A 573 12.51 20.14 8.01
CA LEU A 573 11.20 20.21 8.65
C LEU A 573 11.30 19.95 10.16
N ARG A 574 12.11 18.97 10.55
CA ARG A 574 12.27 18.64 11.96
C ARG A 574 12.81 19.84 12.76
N VAL A 575 13.87 20.47 12.25
CA VAL A 575 14.42 21.66 12.89
C VAL A 575 13.35 22.74 13.05
N TRP A 576 12.65 23.07 11.96
CA TRP A 576 11.64 24.12 11.99
C TRP A 576 10.47 23.77 12.94
N LEU A 577 10.01 22.53 12.87
CA LEU A 577 8.81 22.12 13.63
C LEU A 577 9.06 22.04 15.15
N GLU A 578 10.23 21.55 15.54
CA GLU A 578 10.55 21.46 16.96
C GLU A 578 10.57 22.86 17.56
N ALA A 579 11.08 23.82 16.80
CA ALA A 579 11.17 25.21 17.26
C ALA A 579 9.80 25.85 17.30
N GLU A 580 8.95 25.53 16.33
CA GLU A 580 7.61 26.11 16.25
C GLU A 580 6.69 25.61 17.37
N ASN A 581 6.82 24.33 17.70
CA ASN A 581 6.06 23.73 18.78
C ASN A 581 6.47 24.32 20.15
N ILE A 582 7.77 24.59 20.32
CA ILE A 582 8.24 25.27 21.53
C ILE A 582 7.72 26.71 21.56
N LYS A 583 7.85 27.43 20.46
CA LYS A 583 7.40 28.82 20.37
C LYS A 583 5.93 28.94 20.75
N ASN A 584 5.13 27.97 20.31
CA ASN A 584 3.68 28.01 20.52
C ASN A 584 3.19 27.15 21.71
N ASN A 585 4.12 26.66 22.52
CA ASN A 585 3.77 25.88 23.71
C ASN A 585 2.83 24.71 23.38
N VAL A 586 3.14 24.01 22.28
CA VAL A 586 2.25 22.97 21.75
C VAL A 586 2.37 21.68 22.59
N HIS A 587 1.24 21.17 23.07
CA HIS A 587 1.27 19.93 23.86
C HIS A 587 1.59 18.72 22.97
N ILE A 588 2.57 17.92 23.41
CA ILE A 588 3.00 16.70 22.70
C ILE A 588 2.53 15.48 23.48
N GLY A 589 1.99 14.47 22.80
CA GLY A 589 1.60 13.19 23.42
C GLY A 589 0.12 13.21 23.73
N TRP A 590 -0.44 12.09 24.19
CA TRP A 590 -1.91 11.98 24.36
C TRP A 590 -2.27 11.02 25.49
N THR A 591 -3.41 11.26 26.12
CA THR A 591 -3.91 10.34 27.15
C THR A 591 -4.51 9.12 26.44
N THR A 592 -4.76 8.06 27.18
CA THR A 592 -5.33 6.84 26.62
C THR A 592 -6.80 7.09 26.26
N SER A 593 -7.20 6.66 25.07
CA SER A 593 -8.56 6.88 24.55
C SER A 593 -9.66 6.25 25.41
N ASN A 594 -10.84 6.89 25.42
CA ASN A 594 -12.03 6.36 26.09
CA ASN A 594 -12.01 6.31 26.10
C ASN A 594 -13.08 5.86 25.09
N LYS A 595 -12.70 5.75 23.81
CA LYS A 595 -13.69 5.45 22.75
C LYS A 595 -13.94 3.97 22.38
N CYS A 596 -13.33 3.03 23.11
CA CYS A 596 -13.65 1.60 22.93
C CYS A 596 -13.91 0.98 24.29
N VAL A 597 -15.17 0.64 24.55
CA VAL A 597 -15.62 0.10 25.83
C VAL A 597 -15.44 -1.42 25.91
N SER A 598 -14.76 -1.87 26.96
CA SER A 598 -14.65 -3.30 27.29
C SER A 598 -16.02 -3.91 27.58
#